data_9FZP
#
_entry.id   9FZP
#
_cell.length_a   67.303
_cell.length_b   88.467
_cell.length_c   82.008
_cell.angle_alpha   90.00
_cell.angle_beta   90.00
_cell.angle_gamma   90.00
#
_symmetry.space_group_name_H-M   'P 21 21 21'
#
loop_
_entity.id
_entity.type
_entity.pdbx_description
1 polymer 'Peptidoglycan D,D-transpeptidase FtsI'
2 non-polymer "CEFOTAXIME, C3' cleaved, open, bound form"
3 water water
#
_entity_poly.entity_id   1
_entity_poly.type   'polypeptide(L)'
_entity_poly.pdbx_seq_one_letter_code
;GGSVRHIAIPAHRGLITDRNGEPLAVSTPVTTLWANPKELMTAKERWPQLAAALGQDTKLFADRIEQNAEREFIYLVRGL
TPEQGEGVIALKVPGVYSIEEFRRFYPAGEVVAHAVGFTDVDDRGREGIELAFDEWLAGVPGKRQVLKDRRGRVIKDVQV
TKNAKPGKTLALSIDLRLQYLAHRELRNALLENGAKAGSLVIMDVKTGEILAMTNQPTYNPNNRRNLQPAAMRNRAMIDV
FEPGSTVKPFSMSAALASGRWKPSDIVDVYPGTLQIGRYTIRDVSRNSRQLDLTGILIKSSNVGISKIAFDIGAESIYSV
MQQVGLGQDTGLGFPGERVGNLPNHRKWPKAETATLAYGYGLSVTAIQLAHAYAALANDGKSVPLSMTRVDRVPDGVQVI
SPEVASTVQGMLQQVVEAQGGVFRAQVPGYHAAGKSGTARKVSVGTKGYRENAYRSLFAGFAPATDPRIAMVVVIDEPSK
AGYFGGLVSAPVFSKVMAGALRLMNVPPDNLPTEFEA
;
_entity_poly.pdbx_strand_id   A
#
# COMPACT_ATOMS: atom_id res chain seq x y z
N SER A 3 -31.94 -1.24 -40.79
CA SER A 3 -30.47 -1.23 -40.82
C SER A 3 -29.89 -2.00 -39.65
N ARG A 5 -27.23 -2.58 -36.39
CA ARG A 5 -26.72 -1.95 -35.17
C ARG A 5 -25.48 -2.68 -34.65
N HIS A 6 -24.76 -2.03 -33.74
CA HIS A 6 -23.55 -2.59 -33.13
C HIS A 6 -23.65 -2.43 -31.62
N ILE A 7 -24.08 -3.49 -30.94
CA ILE A 7 -24.17 -3.49 -29.49
C ILE A 7 -23.01 -4.30 -28.92
N ALA A 8 -22.81 -4.19 -27.62
CA ALA A 8 -21.60 -4.68 -26.97
C ALA A 8 -21.86 -5.94 -26.13
N ILE A 9 -20.77 -6.66 -25.88
CA ILE A 9 -20.71 -7.88 -25.10
C ILE A 9 -19.69 -7.67 -23.98
N PRO A 10 -20.15 -7.39 -22.76
CA PRO A 10 -19.25 -7.04 -21.66
C PRO A 10 -18.27 -8.16 -21.39
N ALA A 11 -17.02 -7.83 -21.11
CA ALA A 11 -16.13 -8.92 -20.81
C ALA A 11 -16.19 -9.16 -19.30
N HIS A 12 -15.99 -10.40 -18.91
CA HIS A 12 -15.95 -10.74 -17.50
C HIS A 12 -14.66 -10.19 -16.93
N ARG A 13 -14.72 -9.35 -15.89
CA ARG A 13 -13.46 -8.80 -15.35
C ARG A 13 -12.73 -9.86 -14.53
N GLY A 14 -11.41 -9.95 -14.76
CA GLY A 14 -10.54 -10.92 -14.11
C GLY A 14 -10.59 -10.98 -12.60
N LEU A 15 -10.58 -12.19 -12.05
CA LEU A 15 -10.61 -12.37 -10.61
C LEU A 15 -9.30 -11.94 -9.94
N ILE A 16 -9.43 -11.22 -8.83
CA ILE A 16 -8.27 -10.89 -8.00
C ILE A 16 -8.35 -11.76 -6.74
N THR A 17 -7.28 -12.46 -6.43
CA THR A 17 -7.22 -13.26 -5.21
C THR A 17 -6.00 -12.84 -4.42
N ASP A 18 -5.92 -13.30 -3.17
CA ASP A 18 -4.71 -13.15 -2.38
C ASP A 18 -3.73 -14.26 -2.79
N ARG A 19 -2.60 -14.36 -2.09
CA ARG A 19 -1.57 -15.32 -2.50
C ARG A 19 -2.02 -16.76 -2.30
N ASN A 20 -3.03 -17.00 -1.46
CA ASN A 20 -3.52 -18.36 -1.21
C ASN A 20 -4.83 -18.65 -1.93
N GLY A 21 -5.24 -17.78 -2.85
CA GLY A 21 -6.45 -17.99 -3.61
C GLY A 21 -7.72 -17.44 -3.01
N GLU A 22 -7.65 -16.72 -1.90
CA GLU A 22 -8.86 -16.15 -1.33
C GLU A 22 -9.36 -15.01 -2.22
N PRO A 23 -10.63 -15.01 -2.62
CA PRO A 23 -11.12 -13.96 -3.52
C PRO A 23 -11.11 -12.59 -2.86
N LEU A 24 -10.56 -11.60 -3.58
CA LEU A 24 -10.48 -10.22 -3.13
C LEU A 24 -11.31 -9.28 -3.97
N ALA A 25 -11.51 -9.58 -5.25
CA ALA A 25 -12.36 -8.78 -6.12
C ALA A 25 -13.03 -9.72 -7.10
N VAL A 26 -14.35 -9.78 -7.06
CA VAL A 26 -15.10 -10.74 -7.86
C VAL A 26 -16.15 -10.02 -8.68
N SER A 27 -16.16 -10.30 -9.99
CA SER A 27 -17.17 -9.74 -10.88
C SER A 27 -18.54 -10.34 -10.58
N THR A 28 -19.52 -9.49 -10.35
CA THR A 28 -20.85 -9.98 -10.03
C THR A 28 -21.80 -9.60 -11.14
N PRO A 29 -22.58 -10.55 -11.68
CA PRO A 29 -23.57 -10.21 -12.70
C PRO A 29 -24.62 -9.24 -12.20
N VAL A 30 -24.87 -8.22 -13.01
CA VAL A 30 -25.91 -7.22 -12.80
C VAL A 30 -26.67 -7.09 -14.11
N THR A 31 -27.88 -6.56 -14.02
CA THR A 31 -28.72 -6.38 -15.20
C THR A 31 -28.87 -4.89 -15.50
N THR A 32 -28.55 -4.53 -16.74
CA THR A 32 -28.73 -3.18 -17.22
C THR A 32 -29.92 -3.10 -18.15
N LEU A 33 -30.75 -2.08 -17.98
CA LEU A 33 -31.91 -1.90 -18.83
C LEU A 33 -31.77 -0.60 -19.61
N TRP A 34 -31.95 -0.69 -20.92
CA TRP A 34 -31.92 0.42 -21.85
C TRP A 34 -33.24 0.44 -22.60
N ALA A 35 -33.53 1.54 -23.27
CA ALA A 35 -34.78 1.62 -24.00
C ALA A 35 -34.59 2.31 -25.35
N ASN A 36 -35.52 1.98 -26.25
CA ASN A 36 -35.68 2.62 -27.55
C ASN A 36 -36.89 3.56 -27.44
N PRO A 37 -36.67 4.86 -27.27
CA PRO A 37 -37.80 5.80 -27.15
C PRO A 37 -38.83 5.72 -28.27
N LYS A 38 -38.42 5.30 -29.47
CA LYS A 38 -39.38 5.16 -30.56
C LYS A 38 -40.47 4.15 -30.23
N GLU A 39 -40.15 3.14 -29.44
CA GLU A 39 -41.14 2.15 -29.04
C GLU A 39 -41.86 2.60 -27.79
N LEU A 40 -41.13 3.25 -26.89
CA LEU A 40 -41.72 3.76 -25.67
C LEU A 40 -42.82 4.78 -26.01
N MET A 41 -42.62 5.57 -27.07
CA MET A 41 -43.64 6.53 -27.48
C MET A 41 -44.93 5.86 -27.90
N THR A 42 -44.89 4.58 -28.26
CA THR A 42 -46.12 3.89 -28.65
C THR A 42 -46.82 3.25 -27.46
N ALA A 43 -46.22 3.33 -26.27
CA ALA A 43 -46.76 2.65 -25.09
C ALA A 43 -46.63 3.56 -23.87
N LYS A 44 -46.99 4.83 -24.01
CA LYS A 44 -46.87 5.75 -22.88
C LYS A 44 -47.67 5.30 -21.66
N GLU A 45 -48.80 4.61 -21.87
CA GLU A 45 -49.58 4.15 -20.73
C GLU A 45 -48.83 3.18 -19.82
N ARG A 46 -47.74 2.55 -20.28
CA ARG A 46 -47.02 1.61 -19.43
C ARG A 46 -45.94 2.29 -18.57
N TRP A 47 -45.55 3.51 -18.92
CA TRP A 47 -44.44 4.20 -18.25
C TRP A 47 -44.62 4.35 -16.74
N PRO A 48 -45.77 4.77 -16.20
CA PRO A 48 -45.86 4.91 -14.74
C PRO A 48 -45.57 3.63 -13.99
N GLN A 49 -46.03 2.48 -14.48
CA GLN A 49 -45.69 1.23 -13.80
C GLN A 49 -44.20 0.97 -13.89
N LEU A 50 -43.59 1.25 -15.04
CA LEU A 50 -42.16 1.05 -15.20
C LEU A 50 -41.40 2.01 -14.29
N ALA A 51 -41.77 3.30 -14.34
CA ALA A 51 -41.18 4.34 -13.49
C ALA A 51 -41.19 3.95 -12.01
N ALA A 52 -42.36 3.54 -11.52
CA ALA A 52 -42.48 3.11 -10.12
C ALA A 52 -41.51 1.98 -9.81
N ALA A 53 -41.38 1.02 -10.73
CA ALA A 53 -40.47 -0.08 -10.49
C ALA A 53 -39.01 0.35 -10.56
N LEU A 54 -38.69 1.41 -11.31
CA LEU A 54 -37.30 1.84 -11.35
C LEU A 54 -36.92 2.81 -10.24
N GLY A 55 -37.90 3.36 -9.52
CA GLY A 55 -37.59 4.33 -8.48
C GLY A 55 -37.79 5.76 -8.93
N GLN A 56 -37.38 6.04 -10.17
CA GLN A 56 -37.44 7.37 -10.78
C GLN A 56 -38.80 8.03 -10.59
N ASP A 57 -38.85 9.36 -10.67
CA ASP A 57 -40.12 10.04 -10.52
C ASP A 57 -40.97 9.90 -11.78
N THR A 58 -42.28 9.80 -11.57
CA THR A 58 -43.23 9.62 -12.67
C THR A 58 -43.10 10.73 -13.70
N LYS A 59 -43.25 11.98 -13.26
CA LYS A 59 -43.23 13.11 -14.19
C LYS A 59 -41.85 13.41 -14.75
N LEU A 60 -40.80 13.23 -13.95
CA LEU A 60 -39.45 13.47 -14.48
C LEU A 60 -39.05 12.42 -15.51
N PHE A 61 -39.41 11.16 -15.24
CA PHE A 61 -39.11 10.08 -16.18
C PHE A 61 -39.88 10.32 -17.48
N ALA A 62 -41.17 10.68 -17.37
CA ALA A 62 -41.95 10.97 -18.56
C ALA A 62 -41.32 12.14 -19.32
N ASP A 63 -40.87 13.16 -18.59
CA ASP A 63 -40.19 14.29 -19.23
C ASP A 63 -38.94 13.83 -19.96
N ARG A 64 -38.19 12.90 -19.35
CA ARG A 64 -36.97 12.40 -19.99
C ARG A 64 -37.28 11.71 -21.31
N ILE A 65 -38.28 10.83 -21.33
CA ILE A 65 -38.61 10.15 -22.58
C ILE A 65 -39.13 11.12 -23.63
N GLU A 66 -39.99 12.05 -23.22
CA GLU A 66 -40.49 13.04 -24.18
C GLU A 66 -39.32 13.79 -24.80
N GLN A 67 -38.32 14.13 -23.98
CA GLN A 67 -37.11 14.80 -24.43
C GLN A 67 -36.26 13.93 -25.36
N ASN A 68 -36.35 12.60 -25.23
CA ASN A 68 -35.53 11.69 -26.02
C ASN A 68 -36.30 10.87 -27.04
N ALA A 69 -37.51 11.30 -27.40
CA ALA A 69 -38.37 10.57 -28.33
C ALA A 69 -37.72 10.19 -29.67
N GLU A 70 -36.81 11.00 -30.19
CA GLU A 70 -36.18 10.74 -31.48
C GLU A 70 -34.94 9.85 -31.42
N ARG A 71 -34.43 9.57 -30.24
CA ARG A 71 -33.25 8.73 -30.13
C ARG A 71 -33.64 7.24 -30.25
N GLU A 72 -32.68 6.43 -30.71
CA GLU A 72 -32.91 4.99 -30.87
C GLU A 72 -32.36 4.17 -29.71
N PHE A 73 -31.62 4.80 -28.81
CA PHE A 73 -31.02 4.12 -27.67
C PHE A 73 -30.86 5.15 -26.57
N ILE A 74 -31.22 4.76 -25.35
CA ILE A 74 -31.04 5.56 -24.13
C ILE A 74 -30.93 4.60 -22.97
N TYR A 75 -30.22 5.01 -21.92
CA TYR A 75 -30.14 4.21 -20.70
C TYR A 75 -31.24 4.56 -19.72
N LEU A 76 -31.85 3.52 -19.15
CA LEU A 76 -32.87 3.58 -18.12
C LEU A 76 -32.24 3.41 -16.73
N VAL A 77 -31.40 2.38 -16.59
CA VAL A 77 -30.73 2.03 -15.34
C VAL A 77 -29.53 1.14 -15.68
N ARG A 78 -28.45 1.22 -14.87
CA ARG A 78 -27.32 0.33 -15.13
C ARG A 78 -26.98 -0.67 -14.04
N GLY A 79 -27.29 -0.39 -12.78
CA GLY A 79 -27.04 -1.45 -11.83
C GLY A 79 -28.17 -2.07 -11.07
N LEU A 80 -28.60 -3.25 -11.50
CA LEU A 80 -29.60 -3.97 -10.75
C LEU A 80 -29.17 -5.42 -10.58
N THR A 81 -29.73 -6.03 -9.55
CA THR A 81 -29.55 -7.44 -9.33
C THR A 81 -30.34 -8.15 -10.42
N PRO A 82 -29.98 -9.37 -10.79
CA PRO A 82 -30.84 -10.10 -11.73
C PRO A 82 -32.16 -10.53 -11.17
N GLU A 83 -32.40 -10.20 -9.90
CA GLU A 83 -33.69 -10.47 -9.26
C GLU A 83 -34.64 -9.36 -9.64
N GLN A 84 -34.22 -8.11 -9.40
CA GLN A 84 -35.01 -6.94 -9.82
C GLN A 84 -35.00 -6.78 -11.33
N GLY A 85 -33.94 -7.24 -12.01
CA GLY A 85 -33.95 -7.18 -13.46
C GLY A 85 -35.02 -8.07 -14.05
N GLU A 86 -35.20 -9.26 -13.49
CA GLU A 86 -36.26 -10.14 -13.98
C GLU A 86 -37.63 -9.57 -13.64
N GLY A 87 -37.75 -8.91 -12.48
CA GLY A 87 -39.01 -8.29 -12.11
C GLY A 87 -39.43 -7.17 -13.05
N VAL A 88 -38.46 -6.38 -13.52
CA VAL A 88 -38.75 -5.32 -14.48
C VAL A 88 -39.10 -5.90 -15.85
N ILE A 89 -38.35 -6.91 -16.29
CA ILE A 89 -38.58 -7.55 -17.58
C ILE A 89 -40.01 -8.12 -17.67
N ALA A 90 -40.52 -8.66 -16.56
CA ALA A 90 -41.87 -9.22 -16.57
C ALA A 90 -43.00 -8.21 -16.85
N LEU A 91 -42.74 -6.90 -16.84
CA LEU A 91 -43.79 -5.95 -17.19
C LEU A 91 -44.11 -5.92 -18.69
N LYS A 92 -43.21 -6.43 -19.54
CA LYS A 92 -43.42 -6.47 -20.99
C LYS A 92 -43.67 -5.09 -21.60
N VAL A 93 -42.89 -4.11 -21.18
CA VAL A 93 -43.05 -2.75 -21.70
C VAL A 93 -42.37 -2.69 -23.07
N PRO A 94 -43.06 -2.22 -24.10
CA PRO A 94 -42.42 -2.09 -25.42
C PRO A 94 -41.23 -1.14 -25.39
N GLY A 95 -40.14 -1.56 -26.03
CA GLY A 95 -38.94 -0.76 -26.15
C GLY A 95 -37.93 -0.92 -25.04
N VAL A 96 -38.16 -1.79 -24.07
CA VAL A 96 -37.23 -2.01 -22.98
C VAL A 96 -36.42 -3.25 -23.26
N TYR A 97 -35.09 -3.13 -23.19
CA TYR A 97 -34.22 -4.26 -23.45
C TYR A 97 -33.24 -4.34 -22.31
N SER A 98 -32.64 -5.51 -22.13
CA SER A 98 -31.71 -5.69 -21.03
C SER A 98 -30.35 -6.16 -21.50
N ILE A 99 -29.32 -5.77 -20.74
CA ILE A 99 -27.96 -6.20 -20.99
C ILE A 99 -27.37 -6.61 -19.65
N GLU A 100 -26.74 -7.80 -19.60
CA GLU A 100 -26.05 -8.25 -18.39
C GLU A 100 -24.64 -7.69 -18.36
N GLU A 101 -24.35 -6.89 -17.34
CA GLU A 101 -23.04 -6.31 -17.07
C GLU A 101 -22.46 -6.87 -15.78
N PHE A 102 -21.32 -6.33 -15.36
CA PHE A 102 -20.67 -6.75 -14.13
C PHE A 102 -20.26 -5.56 -13.29
N ARG A 103 -20.38 -5.72 -11.98
CA ARG A 103 -19.99 -4.75 -10.97
C ARG A 103 -19.15 -5.53 -9.99
N ARG A 104 -18.08 -4.92 -9.48
CA ARG A 104 -17.22 -5.64 -8.57
C ARG A 104 -17.82 -5.73 -7.17
N PHE A 105 -17.52 -6.85 -6.50
CA PHE A 105 -17.78 -7.09 -5.09
C PHE A 105 -16.46 -7.40 -4.43
N TYR A 106 -16.21 -6.80 -3.27
CA TYR A 106 -14.92 -6.99 -2.61
C TYR A 106 -15.14 -7.74 -1.30
N PRO A 107 -14.98 -9.07 -1.29
CA PRO A 107 -15.32 -9.85 -0.09
C PRO A 107 -14.58 -9.42 1.16
N ALA A 108 -13.34 -8.96 1.05
CA ALA A 108 -12.59 -8.56 2.23
C ALA A 108 -12.79 -7.08 2.56
N GLY A 109 -13.53 -6.36 1.73
CA GLY A 109 -13.86 -4.98 1.99
C GLY A 109 -12.68 -4.10 2.40
N GLU A 110 -12.86 -3.44 3.54
CA GLU A 110 -11.90 -2.50 4.10
C GLU A 110 -10.54 -3.08 4.41
N VAL A 111 -10.46 -4.40 4.63
CA VAL A 111 -9.18 -5.01 5.00
C VAL A 111 -8.11 -4.77 3.94
N VAL A 112 -8.50 -4.79 2.65
CA VAL A 112 -7.53 -4.61 1.59
C VAL A 112 -8.00 -3.53 0.62
N ALA A 113 -8.80 -2.58 1.11
CA ALA A 113 -9.40 -1.60 0.21
C ALA A 113 -8.33 -0.81 -0.51
N HIS A 114 -7.28 -0.39 0.20
CA HIS A 114 -6.24 0.41 -0.42
C HIS A 114 -5.40 -0.39 -1.41
N ALA A 115 -5.03 -1.64 -1.08
CA ALA A 115 -4.24 -2.43 -2.01
C ALA A 115 -5.05 -2.87 -3.22
N VAL A 116 -6.21 -3.47 -2.99
CA VAL A 116 -7.01 -3.96 -4.10
C VAL A 116 -7.58 -2.81 -4.91
N GLY A 117 -8.08 -1.79 -4.21
CA GLY A 117 -8.61 -0.63 -4.89
C GLY A 117 -10.05 -0.92 -5.25
N PHE A 118 -10.50 -0.28 -6.33
CA PHE A 118 -11.85 -0.49 -6.83
C PHE A 118 -11.99 -0.03 -8.27
N THR A 119 -13.20 -0.23 -8.81
CA THR A 119 -13.56 0.05 -10.19
C THR A 119 -14.58 1.17 -10.28
N ASP A 120 -14.57 1.88 -11.41
CA ASP A 120 -15.55 2.93 -11.62
C ASP A 120 -16.83 2.36 -12.24
N VAL A 121 -17.74 3.24 -12.65
CA VAL A 121 -19.01 2.87 -13.26
C VAL A 121 -18.85 2.03 -14.52
N ASP A 122 -17.73 2.16 -15.23
CA ASP A 122 -17.53 1.40 -16.46
C ASP A 122 -16.79 0.09 -16.23
N ASP A 123 -16.66 -0.34 -14.98
CA ASP A 123 -15.97 -1.56 -14.60
C ASP A 123 -14.49 -1.48 -14.96
N ARG A 124 -13.94 -0.27 -14.90
CA ARG A 124 -12.52 -0.05 -15.16
C ARG A 124 -11.83 0.28 -13.86
N GLY A 125 -10.58 -0.17 -13.70
CA GLY A 125 -9.85 0.09 -12.49
C GLY A 125 -9.58 1.55 -12.15
N ARG A 126 -9.82 1.95 -10.91
CA ARG A 126 -9.69 3.33 -10.50
C ARG A 126 -8.64 3.53 -9.40
N GLU A 127 -8.45 2.53 -8.55
CA GLU A 127 -7.50 2.65 -7.45
C GLU A 127 -6.87 1.28 -7.21
N GLY A 128 -5.76 1.29 -6.46
CA GLY A 128 -5.05 0.10 -6.06
C GLY A 128 -4.71 -0.84 -7.20
N ILE A 129 -4.76 -2.14 -6.92
CA ILE A 129 -4.43 -3.15 -7.92
C ILE A 129 -5.38 -3.05 -9.12
N GLU A 130 -6.65 -2.73 -8.87
CA GLU A 130 -7.62 -2.61 -9.95
C GLU A 130 -7.15 -1.63 -11.01
N LEU A 131 -6.59 -0.50 -10.60
CA LEU A 131 -6.06 0.50 -11.52
C LEU A 131 -4.72 0.08 -12.11
N ALA A 132 -3.78 -0.29 -11.24
CA ALA A 132 -2.43 -0.64 -11.68
C ALA A 132 -2.44 -1.80 -12.69
N PHE A 133 -3.32 -2.78 -12.50
CA PHE A 133 -3.40 -3.92 -13.41
C PHE A 133 -4.68 -3.91 -14.24
N ASP A 134 -5.21 -2.72 -14.51
CA ASP A 134 -6.44 -2.59 -15.29
C ASP A 134 -6.38 -3.32 -16.61
N GLU A 135 -5.27 -3.17 -17.34
CA GLU A 135 -5.13 -3.84 -18.64
C GLU A 135 -5.27 -5.35 -18.49
N TRP A 136 -4.59 -5.93 -17.51
CA TRP A 136 -4.67 -7.36 -17.25
C TRP A 136 -6.10 -7.80 -16.92
N LEU A 137 -6.74 -7.06 -16.02
CA LEU A 137 -8.06 -7.35 -15.46
C LEU A 137 -9.27 -7.04 -16.35
N ALA A 138 -9.21 -5.98 -17.17
CA ALA A 138 -10.41 -5.52 -17.88
C ALA A 138 -10.92 -6.49 -18.94
N GLY A 139 -10.06 -7.20 -19.66
CA GLY A 139 -10.56 -8.02 -20.75
C GLY A 139 -10.96 -7.15 -21.93
N VAL A 140 -11.42 -7.72 -23.04
CA VAL A 140 -11.75 -6.93 -24.22
C VAL A 140 -13.24 -7.06 -24.55
N PRO A 141 -13.96 -5.95 -24.68
CA PRO A 141 -15.39 -6.02 -25.00
C PRO A 141 -15.55 -6.51 -26.42
N GLY A 142 -16.67 -7.16 -26.70
CA GLY A 142 -16.95 -7.64 -28.03
C GLY A 142 -17.97 -6.75 -28.76
N LYS A 143 -18.14 -7.04 -30.04
CA LYS A 143 -19.02 -6.26 -30.91
C LYS A 143 -20.06 -7.19 -31.52
N ARG A 144 -21.32 -6.96 -31.18
CA ARG A 144 -22.44 -7.66 -31.78
C ARG A 144 -22.99 -6.86 -32.94
N GLN A 145 -23.72 -7.55 -33.83
CA GLN A 145 -24.44 -6.92 -34.91
C GLN A 145 -25.85 -7.47 -34.94
N VAL A 146 -26.85 -6.59 -34.99
CA VAL A 146 -28.25 -6.97 -34.98
C VAL A 146 -29.02 -6.15 -36.00
N LEU A 147 -30.06 -6.76 -36.55
CA LEU A 147 -30.94 -6.10 -37.51
C LEU A 147 -32.05 -5.38 -36.76
N LYS A 148 -32.07 -4.05 -36.88
CA LYS A 148 -33.13 -3.22 -36.31
C LYS A 148 -33.80 -2.44 -37.43
N ASP A 149 -35.13 -2.37 -37.39
CA ASP A 149 -35.90 -1.78 -38.48
C ASP A 149 -36.01 -0.27 -38.28
N ARG A 150 -36.98 0.37 -38.95
CA ARG A 150 -37.15 1.81 -38.83
C ARG A 150 -37.50 2.22 -37.41
N ARG A 151 -38.17 1.34 -36.66
CA ARG A 151 -38.59 1.65 -35.30
C ARG A 151 -37.46 1.51 -34.28
N GLY A 152 -36.29 1.03 -34.70
CA GLY A 152 -35.24 0.72 -33.74
C GLY A 152 -35.48 -0.53 -32.94
N ARG A 153 -36.46 -1.35 -33.33
CA ARG A 153 -36.73 -2.61 -32.65
C ARG A 153 -35.73 -3.67 -33.10
N VAL A 154 -35.03 -4.28 -32.15
CA VAL A 154 -34.12 -5.36 -32.50
C VAL A 154 -34.96 -6.49 -33.09
N ILE A 155 -34.84 -6.70 -34.38
CA ILE A 155 -35.64 -7.70 -35.07
C ILE A 155 -34.90 -9.03 -35.17
N LYS A 156 -33.62 -9.00 -35.52
CA LYS A 156 -32.87 -10.20 -35.83
C LYS A 156 -31.44 -10.05 -35.34
N ASP A 157 -30.74 -11.19 -35.23
CA ASP A 157 -29.33 -11.24 -34.88
C ASP A 157 -28.57 -11.70 -36.11
N VAL A 158 -27.79 -10.79 -36.70
CA VAL A 158 -27.13 -11.07 -37.97
C VAL A 158 -25.75 -11.69 -37.77
N GLN A 159 -24.90 -11.07 -36.94
CA GLN A 159 -23.54 -11.57 -36.78
C GLN A 159 -22.95 -11.08 -35.46
N VAL A 160 -21.84 -11.70 -35.08
CA VAL A 160 -20.96 -11.22 -34.03
C VAL A 160 -19.69 -10.73 -34.69
N THR A 161 -19.33 -9.46 -34.47
CA THR A 161 -18.18 -8.87 -35.10
C THR A 161 -16.88 -9.15 -34.34
N LYS A 162 -16.94 -9.16 -33.02
CA LYS A 162 -15.77 -9.43 -32.19
C LYS A 162 -16.20 -10.21 -30.96
N ASN A 163 -15.48 -11.29 -30.65
CA ASN A 163 -15.79 -12.12 -29.49
C ASN A 163 -15.17 -11.51 -28.23
N ALA A 164 -16.00 -11.36 -27.19
CA ALA A 164 -15.56 -10.73 -25.95
C ALA A 164 -14.65 -11.68 -25.18
N LYS A 165 -13.46 -11.18 -24.83
CA LYS A 165 -12.50 -11.96 -24.06
C LYS A 165 -12.46 -11.55 -22.60
N PRO A 166 -12.72 -12.46 -21.67
CA PRO A 166 -12.71 -12.11 -20.25
C PRO A 166 -11.31 -11.70 -19.76
N GLY A 167 -11.28 -10.90 -18.70
CA GLY A 167 -9.98 -10.53 -18.16
C GLY A 167 -9.37 -11.76 -17.53
N LYS A 168 -8.13 -11.62 -17.09
CA LYS A 168 -7.38 -12.75 -16.54
C LYS A 168 -7.26 -12.65 -15.03
N THR A 169 -7.19 -13.81 -14.39
CA THR A 169 -7.04 -13.88 -12.95
C THR A 169 -5.67 -13.32 -12.54
N LEU A 170 -5.62 -12.73 -11.36
CA LEU A 170 -4.38 -12.19 -10.80
C LEU A 170 -4.32 -12.56 -9.32
N ALA A 171 -3.22 -13.20 -8.92
CA ALA A 171 -2.99 -13.51 -7.52
C ALA A 171 -2.03 -12.47 -6.95
N LEU A 172 -2.47 -11.77 -5.90
CA LEU A 172 -1.63 -10.78 -5.27
C LEU A 172 -0.62 -11.44 -4.34
N SER A 173 0.39 -10.66 -3.95
CA SER A 173 1.36 -11.11 -2.97
C SER A 173 0.78 -11.08 -1.56
N ILE A 174 -0.26 -10.27 -1.35
CA ILE A 174 -0.85 -10.09 -0.05
C ILE A 174 -1.34 -11.43 0.50
N ASP A 175 -1.08 -11.66 1.78
CA ASP A 175 -1.59 -12.81 2.51
C ASP A 175 -2.72 -12.28 3.38
N LEU A 176 -3.97 -12.64 3.02
CA LEU A 176 -5.13 -12.12 3.74
C LEU A 176 -5.04 -12.35 5.23
N ARG A 177 -4.43 -13.46 5.65
CA ARG A 177 -4.26 -13.71 7.08
C ARG A 177 -3.36 -12.65 7.70
N LEU A 178 -2.25 -12.35 7.02
CA LEU A 178 -1.34 -11.31 7.51
C LEU A 178 -1.97 -9.93 7.35
N GLN A 179 -2.72 -9.73 6.26
CA GLN A 179 -3.37 -8.44 6.04
C GLN A 179 -4.38 -8.15 7.14
N TYR A 180 -5.21 -9.13 7.49
CA TYR A 180 -6.19 -8.94 8.54
C TYR A 180 -5.53 -8.57 9.86
N LEU A 181 -4.47 -9.30 10.21
CA LEU A 181 -3.76 -9.07 11.47
C LEU A 181 -3.21 -7.65 11.52
N ALA A 182 -2.51 -7.23 10.47
CA ALA A 182 -1.92 -5.90 10.46
C ALA A 182 -3.02 -4.83 10.53
N HIS A 183 -4.10 -5.03 9.78
CA HIS A 183 -5.21 -4.09 9.80
C HIS A 183 -5.77 -3.95 11.22
N ARG A 184 -6.08 -5.07 11.87
CA ARG A 184 -6.68 -5.03 13.20
C ARG A 184 -5.75 -4.36 14.20
N GLU A 185 -4.47 -4.74 14.19
CA GLU A 185 -3.51 -4.23 15.17
C GLU A 185 -3.22 -2.75 14.93
N LEU A 186 -3.15 -2.34 13.67
CA LEU A 186 -2.93 -0.92 13.38
C LEU A 186 -4.13 -0.10 13.80
N ARG A 187 -5.35 -0.59 13.56
CA ARG A 187 -6.53 0.15 13.98
C ARG A 187 -6.56 0.32 15.50
N ASN A 188 -6.35 -0.78 16.23
CA ASN A 188 -6.32 -0.75 17.69
C ASN A 188 -5.22 0.18 18.20
N ALA A 189 -4.04 0.16 17.56
CA ALA A 189 -2.96 1.01 18.01
C ALA A 189 -3.31 2.47 17.80
N LEU A 190 -4.00 2.79 16.71
CA LEU A 190 -4.39 4.18 16.47
C LEU A 190 -5.40 4.63 17.54
N LEU A 191 -6.32 3.75 17.92
CA LEU A 191 -7.30 4.10 18.94
C LEU A 191 -6.65 4.20 20.31
N GLU A 192 -5.71 3.30 20.62
CA GLU A 192 -5.04 3.34 21.92
C GLU A 192 -4.19 4.60 22.05
N ASN A 193 -3.73 5.16 20.94
CA ASN A 193 -2.88 6.34 20.94
C ASN A 193 -3.60 7.61 20.47
N GLY A 194 -4.87 7.50 20.10
CA GLY A 194 -5.60 8.64 19.55
C GLY A 194 -4.89 9.32 18.41
N ALA A 195 -4.31 8.54 17.51
CA ALA A 195 -3.55 9.06 16.39
C ALA A 195 -4.44 9.46 15.22
N LYS A 196 -3.87 10.29 14.34
CA LYS A 196 -4.59 10.79 13.18
C LYS A 196 -4.69 9.76 12.07
N ALA A 197 -3.59 9.06 11.80
CA ALA A 197 -3.51 8.14 10.66
C ALA A 197 -2.38 7.16 10.92
N GLY A 198 -2.31 6.14 10.08
CA GLY A 198 -1.24 5.17 10.20
C GLY A 198 -1.08 4.31 8.98
N SER A 199 0.10 3.69 8.89
CA SER A 199 0.41 2.73 7.84
C SER A 199 1.22 1.59 8.45
N LEU A 200 1.06 0.40 7.88
CA LEU A 200 1.85 -0.75 8.28
C LEU A 200 2.09 -1.60 7.04
N VAL A 201 3.34 -1.95 6.78
CA VAL A 201 3.68 -2.80 5.64
C VAL A 201 4.47 -3.99 6.13
N ILE A 202 4.16 -5.16 5.57
CA ILE A 202 4.93 -6.38 5.82
C ILE A 202 5.42 -6.87 4.46
N MET A 203 6.70 -7.16 4.38
CA MET A 203 7.28 -7.67 3.14
C MET A 203 8.07 -8.95 3.41
N ASP A 204 8.09 -9.85 2.42
CA ASP A 204 8.93 -11.04 2.47
C ASP A 204 10.33 -10.68 1.96
N VAL A 205 11.33 -10.76 2.85
CA VAL A 205 12.69 -10.37 2.48
C VAL A 205 13.34 -11.29 1.46
N LYS A 206 12.89 -12.53 1.32
CA LYS A 206 13.57 -13.43 0.40
C LYS A 206 13.02 -13.35 -1.02
N THR A 207 11.76 -12.94 -1.20
CA THR A 207 11.14 -12.92 -2.51
C THR A 207 10.72 -11.54 -2.95
N GLY A 208 10.70 -10.55 -2.04
CA GLY A 208 10.30 -9.21 -2.42
C GLY A 208 8.81 -9.00 -2.41
N GLU A 209 8.03 -9.99 -1.98
CA GLU A 209 6.59 -9.88 -1.98
C GLU A 209 6.08 -9.02 -0.84
N ILE A 210 5.12 -8.15 -1.15
CA ILE A 210 4.44 -7.36 -0.13
C ILE A 210 3.35 -8.26 0.43
N LEU A 211 3.55 -8.76 1.65
CA LEU A 211 2.58 -9.68 2.23
C LEU A 211 1.41 -8.96 2.87
N ALA A 212 1.61 -7.71 3.28
CA ALA A 212 0.50 -6.95 3.83
C ALA A 212 0.84 -5.47 3.70
N MET A 213 -0.21 -4.68 3.46
CA MET A 213 -0.09 -3.23 3.34
C MET A 213 -1.44 -2.67 3.74
N THR A 214 -1.48 -2.01 4.89
CA THR A 214 -2.71 -1.48 5.44
C THR A 214 -2.47 -0.04 5.85
N ASN A 215 -3.54 0.75 5.80
CA ASN A 215 -3.48 2.12 6.25
C ASN A 215 -4.73 2.39 7.06
N GLN A 216 -4.63 3.37 7.95
CA GLN A 216 -5.79 3.89 8.62
C GLN A 216 -5.85 5.40 8.43
N PRO A 217 -7.05 5.97 8.25
CA PRO A 217 -8.35 5.31 8.18
C PRO A 217 -8.52 4.54 6.88
N THR A 218 -9.43 3.59 6.88
CA THR A 218 -9.76 2.80 5.71
C THR A 218 -11.23 2.99 5.39
N TYR A 219 -11.68 2.27 4.38
CA TYR A 219 -13.06 2.39 3.93
C TYR A 219 -13.52 1.07 3.36
N ASN A 220 -14.84 0.94 3.24
CA ASN A 220 -15.45 -0.25 2.68
C ASN A 220 -15.70 -0.02 1.21
N PRO A 221 -14.96 -0.66 0.30
CA PRO A 221 -15.17 -0.36 -1.12
C PRO A 221 -16.48 -0.88 -1.63
N ASN A 222 -17.24 -1.58 -0.78
CA ASN A 222 -18.56 -2.02 -1.19
C ASN A 222 -19.57 -0.95 -0.82
N ASN A 223 -19.16 -0.02 0.04
CA ASN A 223 -19.91 1.14 0.51
C ASN A 223 -19.46 2.42 -0.16
N ARG A 224 -19.26 2.47 -1.47
CA ARG A 224 -18.75 3.73 -2.02
C ARG A 224 -19.95 4.68 -2.11
N ARG A 225 -20.36 5.12 -0.92
CA ARG A 225 -21.37 6.15 -0.69
C ARG A 225 -20.68 7.48 -0.59
N ASN A 226 -19.66 7.62 -1.42
CA ASN A 226 -18.84 8.82 -1.55
C ASN A 226 -18.31 9.21 -0.16
N LEU A 227 -17.46 8.33 0.36
CA LEU A 227 -16.88 8.51 1.68
C LEU A 227 -15.85 9.64 1.66
N GLN A 228 -15.00 9.66 2.68
CA GLN A 228 -13.94 10.68 2.80
C GLN A 228 -12.76 10.45 1.87
N PRO A 229 -12.54 11.35 0.91
CA PRO A 229 -11.39 11.20 -0.01
C PRO A 229 -10.08 11.03 0.74
N ALA A 230 -9.94 11.73 1.87
CA ALA A 230 -8.74 11.62 2.70
C ALA A 230 -8.58 10.22 3.25
N ALA A 231 -9.69 9.58 3.60
CA ALA A 231 -9.72 8.23 4.16
C ALA A 231 -9.35 7.19 3.12
N MET A 232 -9.47 7.54 1.85
CA MET A 232 -9.21 6.69 0.69
C MET A 232 -7.74 6.69 0.29
N ARG A 233 -6.90 7.49 0.97
CA ARG A 233 -5.49 7.60 0.65
C ARG A 233 -4.74 6.33 1.05
N ASN A 234 -4.08 5.70 0.07
CA ASN A 234 -3.23 4.53 0.32
C ASN A 234 -1.89 5.09 0.82
N ARG A 235 -1.85 5.45 2.10
CA ARG A 235 -0.68 6.11 2.70
C ARG A 235 0.64 5.40 2.52
N ALA A 236 0.64 4.05 2.53
CA ALA A 236 1.92 3.38 2.37
C ALA A 236 2.59 3.74 1.05
N MET A 237 1.82 4.15 0.04
CA MET A 237 2.39 4.46 -1.28
C MET A 237 2.34 5.96 -1.65
N ILE A 238 1.41 6.75 -1.11
CA ILE A 238 1.27 8.13 -1.56
C ILE A 238 1.67 9.19 -0.54
N ASP A 239 1.97 8.82 0.71
CA ASP A 239 2.36 9.83 1.67
C ASP A 239 3.86 9.76 1.91
N VAL A 240 4.53 10.89 1.77
CA VAL A 240 5.96 10.95 2.02
C VAL A 240 6.18 11.53 3.41
N PHE A 241 7.27 11.10 4.04
CA PHE A 241 7.65 11.58 5.35
C PHE A 241 9.15 11.53 5.49
N GLU A 242 9.66 12.28 6.46
CA GLU A 242 11.08 12.25 6.78
C GLU A 242 11.28 11.03 7.67
N PRO A 243 12.17 10.10 7.32
CA PRO A 243 12.28 8.86 8.09
C PRO A 243 13.07 8.96 9.39
N GLY A 244 13.87 10.01 9.57
CA GLY A 244 14.62 10.18 10.79
C GLY A 244 15.49 9.00 11.19
N SER A 245 15.43 8.58 12.45
CA SER A 245 16.41 7.59 13.00
C SER A 245 16.31 6.23 12.23
N THR A 246 15.17 5.94 11.63
CA THR A 246 15.00 4.62 11.02
C THR A 246 15.92 4.47 9.82
N VAL A 247 16.50 5.57 9.36
CA VAL A 247 17.43 5.50 8.24
C VAL A 247 18.88 5.35 8.74
N LYS A 248 19.12 5.55 10.04
CA LYS A 248 20.48 5.48 10.57
C LYS A 248 21.20 4.15 10.32
N PRO A 249 20.55 2.98 10.26
CA PRO A 249 21.28 1.76 9.91
C PRO A 249 21.89 1.79 8.53
N PHE A 250 21.37 2.60 7.61
CA PHE A 250 21.99 2.70 6.29
C PHE A 250 23.21 3.60 6.35
N SER A 251 23.13 4.69 7.13
CA SER A 251 24.31 5.52 7.37
C SER A 251 25.40 4.69 8.02
N MET A 252 25.02 3.83 8.98
CA MET A 252 25.97 2.96 9.67
C MET A 252 26.54 1.94 8.70
N SER A 253 25.71 1.43 7.78
CA SER A 253 26.19 0.48 6.79
C SER A 253 27.27 1.09 5.91
N ALA A 254 27.10 2.35 5.51
CA ALA A 254 28.12 3.04 4.74
C ALA A 254 29.40 3.18 5.55
N ALA A 255 29.28 3.46 6.84
CA ALA A 255 30.46 3.58 7.69
C ALA A 255 31.25 2.27 7.76
N LEU A 256 30.55 1.15 7.98
CA LEU A 256 31.26 -0.13 8.04
C LEU A 256 31.84 -0.51 6.69
N ALA A 257 31.17 -0.13 5.60
CA ALA A 257 31.69 -0.45 4.27
C ALA A 257 32.84 0.46 3.87
N SER A 258 33.00 1.58 4.57
CA SER A 258 34.03 2.55 4.23
C SER A 258 35.41 2.03 4.57
N GLY A 259 35.51 1.09 5.51
CA GLY A 259 36.77 0.59 6.01
C GLY A 259 37.29 1.38 7.18
N ARG A 260 36.61 2.45 7.58
CA ARG A 260 37.07 3.34 8.63
C ARG A 260 36.40 3.09 9.97
N TRP A 261 35.34 2.29 10.03
CA TRP A 261 34.58 2.11 11.25
C TRP A 261 34.29 0.63 11.53
N LYS A 262 34.30 0.26 12.80
CA LYS A 262 33.88 -1.04 13.28
C LYS A 262 32.93 -0.82 14.45
N PRO A 263 32.04 -1.78 14.72
CA PRO A 263 31.04 -1.57 15.79
C PRO A 263 31.65 -1.22 17.13
N SER A 264 32.84 -1.73 17.45
CA SER A 264 33.46 -1.46 18.74
C SER A 264 34.11 -0.08 18.81
N ASP A 265 34.17 0.64 17.70
CA ASP A 265 34.70 2.00 17.70
C ASP A 265 33.82 2.92 18.54
N ILE A 266 34.42 4.00 19.01
CA ILE A 266 33.75 4.94 19.90
C ILE A 266 33.63 6.28 19.19
N VAL A 267 32.54 6.99 19.50
CA VAL A 267 32.26 8.34 19.03
C VAL A 267 31.94 9.20 20.24
N ASP A 268 32.53 10.40 20.28
CA ASP A 268 32.23 11.35 21.35
C ASP A 268 31.03 12.20 20.97
N VAL A 269 29.92 12.03 21.68
CA VAL A 269 28.67 12.74 21.39
C VAL A 269 28.40 13.84 22.39
N TYR A 270 29.30 14.06 23.36
CA TYR A 270 29.10 15.11 24.35
C TYR A 270 29.13 16.47 23.67
N PRO A 271 28.30 17.42 24.13
CA PRO A 271 27.31 17.37 25.20
C PRO A 271 25.92 17.06 24.66
N GLY A 272 25.82 16.28 23.58
CA GLY A 272 24.50 16.00 23.05
C GLY A 272 24.05 17.00 22.02
N THR A 273 24.93 17.91 21.60
CA THR A 273 24.64 18.90 20.57
C THR A 273 25.87 19.10 19.70
N LEU A 274 25.67 19.58 18.47
CA LEU A 274 26.79 19.79 17.58
C LEU A 274 26.49 20.99 16.67
N GLN A 275 27.33 22.03 16.74
CA GLN A 275 27.18 23.27 15.98
C GLN A 275 27.85 23.32 14.59
N ILE A 276 27.08 23.70 13.56
CA ILE A 276 27.59 23.90 12.19
C ILE A 276 27.13 25.30 11.80
N GLY A 277 27.93 26.31 12.10
CA GLY A 277 27.46 27.67 11.79
C GLY A 277 26.24 28.05 12.60
N ARG A 278 25.18 28.47 11.91
CA ARG A 278 23.95 28.82 12.60
C ARG A 278 23.08 27.62 12.94
N TYR A 279 23.42 26.44 12.42
CA TYR A 279 22.62 25.24 12.63
C TYR A 279 23.16 24.44 13.80
N THR A 280 22.25 23.94 14.64
CA THR A 280 22.58 23.11 15.79
C THR A 280 21.93 21.73 15.73
N ILE A 281 22.76 20.68 15.64
CA ILE A 281 22.25 19.32 15.71
C ILE A 281 22.04 18.98 17.17
N ARG A 282 20.92 18.34 17.48
CA ARG A 282 20.61 18.04 18.86
C ARG A 282 20.11 16.62 19.04
N ASP A 283 20.54 16.02 20.15
CA ASP A 283 20.09 14.71 20.59
C ASP A 283 18.99 14.92 21.63
N VAL A 284 18.09 13.95 21.75
CA VAL A 284 17.07 14.08 22.78
C VAL A 284 17.68 13.81 24.15
N SER A 285 18.44 12.71 24.26
CA SER A 285 19.11 12.38 25.50
C SER A 285 20.52 12.94 25.37
N ARG A 286 20.89 13.86 26.26
CA ARG A 286 22.19 14.50 26.20
C ARG A 286 23.02 14.19 27.44
N ASN A 287 23.02 12.92 27.84
CA ASN A 287 23.81 12.46 28.98
C ASN A 287 24.75 11.35 28.56
N SER A 288 25.29 11.46 27.35
CA SER A 288 26.27 10.51 26.85
C SER A 288 27.55 11.23 26.48
N ARG A 289 28.65 10.50 26.52
CA ARG A 289 29.93 10.99 26.03
C ARG A 289 30.42 9.99 24.99
N GLN A 290 31.15 8.96 25.42
CA GLN A 290 31.60 7.96 24.46
C GLN A 290 30.47 6.95 24.23
N LEU A 291 30.16 6.70 22.97
CA LEU A 291 29.21 5.70 22.55
C LEU A 291 29.82 4.81 21.48
N ASP A 292 29.53 3.51 21.53
CA ASP A 292 29.98 2.70 20.41
C ASP A 292 28.93 2.78 19.31
N LEU A 293 29.23 2.21 18.14
CA LEU A 293 28.31 2.35 17.02
C LEU A 293 26.95 1.75 17.35
N THR A 294 26.93 0.60 18.02
CA THR A 294 25.67 0.03 18.47
C THR A 294 24.98 0.96 19.47
N GLY A 295 25.75 1.53 20.39
CA GLY A 295 25.18 2.46 21.35
C GLY A 295 24.53 3.67 20.70
N ILE A 296 25.15 4.16 19.62
CA ILE A 296 24.60 5.28 18.86
C ILE A 296 23.21 4.94 18.31
N LEU A 297 23.02 3.71 17.83
CA LEU A 297 21.72 3.31 17.33
C LEU A 297 20.74 3.09 18.47
N ILE A 298 21.22 2.47 19.56
CA ILE A 298 20.35 2.21 20.73
C ILE A 298 19.79 3.52 21.29
N LYS A 299 20.68 4.49 21.53
CA LYS A 299 20.30 5.78 22.10
C LYS A 299 19.74 6.74 21.05
N SER A 300 19.78 6.35 19.77
CA SER A 300 19.38 7.18 18.65
C SER A 300 20.02 8.56 18.74
N SER A 301 21.35 8.56 18.82
CA SER A 301 22.13 9.78 18.92
C SER A 301 22.29 10.38 17.53
N ASN A 302 21.67 11.54 17.31
CA ASN A 302 21.86 12.26 16.06
C ASN A 302 23.30 12.77 15.94
N VAL A 303 23.86 13.23 17.06
CA VAL A 303 25.24 13.70 17.07
C VAL A 303 26.19 12.58 16.65
N GLY A 304 25.97 11.38 17.20
CA GLY A 304 26.85 10.26 16.88
C GLY A 304 26.82 9.90 15.41
N ILE A 305 25.62 9.85 14.83
CA ILE A 305 25.53 9.51 13.42
C ILE A 305 26.08 10.64 12.57
N SER A 306 25.97 11.88 13.03
CA SER A 306 26.52 12.97 12.25
C SER A 306 28.04 12.92 12.21
N LYS A 307 28.68 12.66 13.35
CA LYS A 307 30.14 12.58 13.39
C LYS A 307 30.68 11.49 12.49
N ILE A 308 29.99 10.35 12.43
CA ILE A 308 30.42 9.30 11.51
C ILE A 308 30.26 9.79 10.07
N ALA A 309 29.14 10.45 9.77
CA ALA A 309 28.91 10.93 8.41
C ALA A 309 29.98 11.93 7.96
N PHE A 310 30.40 12.85 8.85
CA PHE A 310 31.48 13.77 8.47
C PHE A 310 32.77 13.00 8.17
N ASP A 311 33.07 11.96 8.94
CA ASP A 311 34.31 11.23 8.73
C ASP A 311 34.29 10.49 7.40
N ILE A 312 33.19 9.82 7.08
CA ILE A 312 33.14 9.00 5.88
C ILE A 312 32.66 9.75 4.63
N GLY A 313 31.95 10.86 4.80
CA GLY A 313 31.42 11.58 3.66
C GLY A 313 30.00 11.19 3.33
N ALA A 314 29.19 12.16 2.89
CA ALA A 314 27.80 11.87 2.57
C ALA A 314 27.64 11.01 1.32
N GLU A 315 28.60 11.08 0.38
CA GLU A 315 28.50 10.28 -0.85
C GLU A 315 28.30 8.80 -0.56
N SER A 316 29.02 8.25 0.42
CA SER A 316 28.86 6.84 0.73
C SER A 316 27.47 6.57 1.29
N ILE A 317 26.96 7.47 2.12
CA ILE A 317 25.63 7.31 2.70
C ILE A 317 24.56 7.46 1.63
N TYR A 318 24.67 8.50 0.80
CA TYR A 318 23.72 8.69 -0.28
C TYR A 318 23.63 7.46 -1.16
N SER A 319 24.80 6.90 -1.49
CA SER A 319 24.83 5.73 -2.35
C SER A 319 24.08 4.55 -1.72
N VAL A 320 24.25 4.32 -0.41
CA VAL A 320 23.54 3.22 0.23
C VAL A 320 22.02 3.45 0.21
N MET A 321 21.58 4.63 0.66
CA MET A 321 20.15 4.92 0.71
C MET A 321 19.50 4.88 -0.67
N GLN A 322 20.21 5.36 -1.70
CA GLN A 322 19.69 5.28 -3.07
C GLN A 322 19.57 3.86 -3.58
N GLN A 323 20.62 3.08 -3.44
CA GLN A 323 20.64 1.71 -3.94
C GLN A 323 19.62 0.82 -3.20
N VAL A 324 19.33 1.13 -1.93
CA VAL A 324 18.31 0.36 -1.19
C VAL A 324 16.90 0.85 -1.50
N GLY A 325 16.77 1.93 -2.27
CA GLY A 325 15.49 2.43 -2.74
C GLY A 325 14.85 3.60 -2.02
N LEU A 326 15.53 4.21 -1.06
CA LEU A 326 14.93 5.36 -0.38
C LEU A 326 14.76 6.51 -1.38
N GLY A 327 13.54 7.01 -1.50
CA GLY A 327 13.28 8.05 -2.48
C GLY A 327 13.46 7.63 -3.91
N GLN A 328 13.33 6.33 -4.19
CA GLN A 328 13.51 5.78 -5.53
C GLN A 328 12.23 5.10 -6.01
N ASP A 329 12.05 5.12 -7.33
CA ASP A 329 10.91 4.44 -7.95
C ASP A 329 10.89 2.97 -7.57
N THR A 330 9.75 2.50 -7.07
CA THR A 330 9.63 1.12 -6.63
C THR A 330 9.48 0.14 -7.80
N GLY A 331 9.11 0.64 -8.98
CA GLY A 331 8.84 -0.20 -10.13
C GLY A 331 7.49 -0.87 -10.09
N LEU A 332 6.67 -0.55 -9.08
CA LEU A 332 5.35 -1.14 -8.88
C LEU A 332 4.33 -0.68 -9.92
N GLY A 333 4.55 0.49 -10.53
CA GLY A 333 3.64 1.00 -11.54
C GLY A 333 2.26 1.38 -11.02
N PHE A 334 2.21 1.99 -9.85
CA PHE A 334 0.98 2.51 -9.26
C PHE A 334 0.89 3.97 -9.68
N PRO A 335 -0.03 4.35 -10.55
CA PRO A 335 -0.09 5.75 -11.01
C PRO A 335 -0.13 6.81 -9.92
N GLY A 336 -0.77 6.56 -8.79
CA GLY A 336 -0.79 7.63 -7.82
C GLY A 336 0.31 7.52 -6.78
N GLU A 337 1.11 6.46 -6.84
CA GLU A 337 2.23 6.25 -5.93
C GLU A 337 3.31 7.32 -6.02
N ARG A 338 3.82 7.69 -4.85
CA ARG A 338 4.83 8.73 -4.64
C ARG A 338 6.24 8.17 -4.57
N VAL A 339 7.16 8.90 -5.18
CA VAL A 339 8.58 8.56 -5.20
C VAL A 339 9.29 9.20 -4.03
N GLY A 340 8.80 10.34 -3.55
CA GLY A 340 9.49 11.05 -2.50
C GLY A 340 10.70 11.75 -3.11
N ASN A 341 11.73 11.94 -2.30
CA ASN A 341 12.87 12.65 -2.83
C ASN A 341 14.12 12.31 -2.01
N LEU A 342 15.21 12.06 -2.72
CA LEU A 342 16.51 11.81 -2.11
C LEU A 342 17.42 12.94 -2.52
N PRO A 343 17.77 13.85 -1.61
CA PRO A 343 18.61 14.99 -1.99
C PRO A 343 19.96 14.51 -2.46
N ASN A 344 20.54 15.23 -3.42
CA ASN A 344 21.83 14.87 -3.96
C ASN A 344 22.66 16.12 -4.15
N HIS A 345 23.98 15.95 -4.05
CA HIS A 345 24.91 17.06 -4.18
C HIS A 345 26.18 16.55 -4.86
N ARG A 346 26.94 17.46 -5.46
CA ARG A 346 28.24 17.03 -5.97
C ARG A 346 29.29 17.07 -4.86
N LYS A 347 29.30 18.18 -4.13
CA LYS A 347 30.13 18.41 -2.95
C LYS A 347 29.09 18.66 -1.87
N TRP A 348 29.01 17.76 -0.89
CA TRP A 348 28.02 17.84 0.20
C TRP A 348 28.47 18.76 1.32
N PRO A 349 27.73 19.82 1.65
CA PRO A 349 28.04 20.63 2.82
C PRO A 349 27.73 19.85 4.09
N LYS A 350 28.30 20.32 5.20
CA LYS A 350 28.13 19.67 6.50
C LYS A 350 26.68 19.50 6.95
N ALA A 351 25.84 20.53 6.80
CA ALA A 351 24.45 20.39 7.27
C ALA A 351 23.71 19.28 6.54
N GLU A 352 23.83 19.20 5.21
CA GLU A 352 23.12 18.12 4.50
C GLU A 352 23.71 16.75 4.81
N THR A 353 25.01 16.66 5.06
CA THR A 353 25.60 15.37 5.40
C THR A 353 25.03 14.86 6.72
N ALA A 354 24.99 15.71 7.74
CA ALA A 354 24.42 15.31 9.02
C ALA A 354 22.92 15.00 8.92
N THR A 355 22.14 15.92 8.34
CA THR A 355 20.70 15.71 8.26
C THR A 355 20.35 14.47 7.46
N LEU A 356 21.06 14.23 6.37
CA LEU A 356 20.86 13.00 5.61
C LEU A 356 21.10 11.77 6.48
N ALA A 357 22.24 11.75 7.19
CA ALA A 357 22.60 10.59 7.99
C ALA A 357 21.57 10.30 9.08
N TYR A 358 20.91 11.33 9.60
CA TYR A 358 19.86 11.13 10.59
C TYR A 358 18.46 11.35 10.00
N GLY A 359 18.37 11.41 8.67
CA GLY A 359 17.10 11.39 7.96
C GLY A 359 16.25 12.64 7.98
N TYR A 360 16.83 13.81 8.15
CA TYR A 360 16.06 15.05 8.09
C TYR A 360 16.22 15.57 6.67
N GLY A 361 15.12 15.99 6.06
CA GLY A 361 15.12 16.53 4.72
C GLY A 361 15.08 15.48 3.64
N LEU A 362 14.92 14.22 4.01
CA LEU A 362 14.76 13.12 3.08
C LEU A 362 13.27 12.80 3.04
N SER A 363 12.80 12.27 1.91
CA SER A 363 11.40 11.89 1.77
C SER A 363 11.27 10.48 1.23
N VAL A 364 10.64 9.60 2.01
CA VAL A 364 10.45 8.22 1.61
C VAL A 364 8.99 7.85 1.85
N THR A 365 8.62 6.68 1.31
CA THR A 365 7.33 6.07 1.56
C THR A 365 7.50 4.91 2.52
N ALA A 366 6.39 4.48 3.12
CA ALA A 366 6.48 3.36 4.04
C ALA A 366 6.90 2.10 3.29
N ILE A 367 6.44 1.96 2.04
CA ILE A 367 6.89 0.84 1.20
C ILE A 367 8.38 0.95 0.89
N GLN A 368 8.86 2.15 0.54
CA GLN A 368 10.29 2.35 0.30
C GLN A 368 11.10 2.06 1.55
N LEU A 369 10.64 2.53 2.71
CA LEU A 369 11.39 2.30 3.94
C LEU A 369 11.46 0.82 4.25
N ALA A 370 10.35 0.12 4.03
CA ALA A 370 10.29 -1.32 4.26
C ALA A 370 11.18 -2.09 3.29
N HIS A 371 11.16 -1.70 2.01
CA HIS A 371 11.99 -2.38 1.01
C HIS A 371 13.45 -2.22 1.34
N ALA A 372 13.85 -1.05 1.82
CA ALA A 372 15.23 -0.82 2.21
C ALA A 372 15.60 -1.73 3.37
N TYR A 373 14.73 -1.83 4.38
CA TYR A 373 14.99 -2.75 5.49
C TYR A 373 14.98 -4.20 5.03
N ALA A 374 14.17 -4.53 4.02
CA ALA A 374 14.18 -5.89 3.50
C ALA A 374 15.53 -6.22 2.86
N ALA A 375 16.11 -5.27 2.11
CA ALA A 375 17.40 -5.51 1.49
C ALA A 375 18.48 -5.69 2.55
N LEU A 376 18.47 -4.84 3.58
CA LEU A 376 19.44 -4.96 4.67
C LEU A 376 19.31 -6.30 5.35
N ALA A 377 18.07 -6.74 5.60
CA ALA A 377 17.82 -8.01 6.26
C ALA A 377 18.21 -9.18 5.38
N ASN A 378 18.10 -9.02 4.07
CA ASN A 378 18.42 -10.09 3.11
C ASN A 378 19.91 -10.08 2.74
N ASP A 379 20.76 -9.93 3.76
CA ASP A 379 22.20 -9.84 3.61
C ASP A 379 22.65 -8.88 2.50
N GLY A 380 21.97 -7.73 2.42
CA GLY A 380 22.41 -6.75 1.45
C GLY A 380 21.92 -6.94 0.03
N LYS A 381 21.05 -7.92 -0.22
CA LYS A 381 20.55 -8.17 -1.56
C LYS A 381 19.15 -7.58 -1.68
N SER A 382 18.96 -6.70 -2.66
CA SER A 382 17.67 -6.07 -2.88
C SER A 382 16.90 -6.89 -3.90
N VAL A 383 15.75 -7.41 -3.49
CA VAL A 383 14.89 -8.18 -4.38
C VAL A 383 13.79 -7.25 -4.88
N PRO A 384 13.53 -7.21 -6.19
CA PRO A 384 12.52 -6.29 -6.72
C PRO A 384 11.18 -6.40 -6.00
N LEU A 385 10.55 -5.25 -5.75
CA LEU A 385 9.24 -5.24 -5.10
C LEU A 385 8.20 -5.89 -5.99
N SER A 386 7.29 -6.63 -5.37
CA SER A 386 6.18 -7.23 -6.10
C SER A 386 4.90 -7.22 -5.29
N MET A 387 3.80 -6.85 -5.95
CA MET A 387 2.47 -6.94 -5.37
C MET A 387 1.71 -8.17 -5.82
N THR A 388 2.32 -8.99 -6.66
CA THR A 388 1.76 -10.22 -7.15
C THR A 388 2.56 -11.38 -6.57
N ARG A 389 1.92 -12.54 -6.46
CA ARG A 389 2.61 -13.71 -5.92
C ARG A 389 3.83 -14.00 -6.77
N VAL A 390 4.97 -14.22 -6.14
CA VAL A 390 6.20 -14.49 -6.86
C VAL A 390 6.46 -15.98 -6.76
N ASP A 391 6.49 -16.66 -7.92
CA ASP A 391 6.77 -18.09 -7.98
C ASP A 391 8.21 -18.35 -8.36
N ARG A 392 8.73 -17.60 -9.32
CA ARG A 392 10.14 -17.67 -9.72
C ARG A 392 10.72 -16.33 -9.26
N VAL A 393 11.60 -16.39 -8.27
CA VAL A 393 12.14 -15.16 -7.71
C VAL A 393 13.10 -14.52 -8.70
N PRO A 394 12.97 -13.24 -9.00
CA PRO A 394 13.95 -12.59 -9.88
C PRO A 394 15.28 -12.50 -9.17
N ASP A 395 16.34 -12.28 -9.95
CA ASP A 395 17.65 -12.11 -9.34
C ASP A 395 17.68 -10.83 -8.52
N GLY A 396 18.37 -10.89 -7.39
CA GLY A 396 18.54 -9.71 -6.56
C GLY A 396 19.79 -8.95 -6.91
N VAL A 397 19.88 -7.73 -6.41
CA VAL A 397 21.07 -6.89 -6.60
C VAL A 397 21.75 -6.76 -5.25
N GLN A 398 23.04 -7.09 -5.20
CA GLN A 398 23.79 -6.95 -3.95
C GLN A 398 24.08 -5.46 -3.77
N VAL A 399 23.35 -4.84 -2.84
CA VAL A 399 23.46 -3.40 -2.61
C VAL A 399 24.38 -3.12 -1.43
N ILE A 400 24.34 -4.01 -0.45
CA ILE A 400 25.21 -3.93 0.72
C ILE A 400 26.00 -5.23 0.79
N SER A 401 27.29 -5.13 1.10
CA SER A 401 28.09 -6.34 1.18
C SER A 401 27.50 -7.28 2.22
N PRO A 402 27.54 -8.60 1.98
CA PRO A 402 26.98 -9.53 2.98
C PRO A 402 27.52 -9.34 4.38
N GLU A 403 28.82 -9.10 4.52
CA GLU A 403 29.42 -8.92 5.85
C GLU A 403 28.86 -7.68 6.54
N VAL A 404 28.79 -6.57 5.81
CA VAL A 404 28.27 -5.32 6.39
C VAL A 404 26.81 -5.48 6.78
N ALA A 405 25.99 -6.02 5.89
CA ALA A 405 24.58 -6.20 6.21
C ALA A 405 24.41 -7.13 7.40
N SER A 406 25.18 -8.21 7.45
CA SER A 406 25.09 -9.13 8.59
C SER A 406 25.50 -8.44 9.89
N THR A 407 26.52 -7.60 9.83
CA THR A 407 26.97 -6.86 11.01
C THR A 407 25.89 -5.90 11.48
N VAL A 408 25.30 -5.16 10.54
CA VAL A 408 24.24 -4.21 10.88
C VAL A 408 23.03 -4.95 11.46
N GLN A 409 22.70 -6.12 10.91
CA GLN A 409 21.60 -6.92 11.46
C GLN A 409 21.83 -7.20 12.93
N GLY A 410 23.06 -7.60 13.27
CA GLY A 410 23.40 -7.88 14.65
C GLY A 410 23.26 -6.64 15.51
N MET A 411 23.66 -5.49 14.97
CA MET A 411 23.54 -4.22 15.66
C MET A 411 22.07 -3.87 15.90
N LEU A 412 21.20 -4.12 14.93
CA LEU A 412 19.78 -3.84 15.10
C LEU A 412 19.15 -4.83 16.06
N GLN A 413 19.70 -6.03 16.18
CA GLN A 413 19.21 -6.99 17.16
C GLN A 413 19.54 -6.51 18.58
N GLN A 414 20.74 -5.96 18.76
CA GLN A 414 21.08 -5.41 20.08
C GLN A 414 20.21 -4.21 20.41
N VAL A 415 19.85 -3.42 19.39
CA VAL A 415 18.93 -2.30 19.62
C VAL A 415 17.66 -2.79 20.28
N VAL A 416 17.16 -3.95 19.86
CA VAL A 416 15.93 -4.49 20.41
C VAL A 416 16.18 -5.23 21.72
N GLU A 417 17.28 -5.99 21.82
CA GLU A 417 17.53 -6.86 22.96
C GLU A 417 18.39 -6.27 24.08
N ALA A 418 19.32 -5.35 23.77
CA ALA A 418 20.26 -4.83 24.76
C ALA A 418 19.62 -3.92 25.80
N GLN A 419 20.36 -3.75 26.90
CA GLN A 419 19.96 -2.82 27.97
C GLN A 419 19.72 -1.44 27.41
N GLY A 420 18.57 -0.87 27.74
CA GLY A 420 18.20 0.46 27.30
C GLY A 420 17.69 0.51 25.88
N GLY A 421 17.45 -0.66 25.27
CA GLY A 421 16.98 -0.74 23.91
C GLY A 421 15.47 -0.62 23.81
N VAL A 422 14.98 -0.92 22.62
CA VAL A 422 13.55 -0.83 22.32
C VAL A 422 12.96 -2.19 22.67
N PHE A 423 12.85 -2.49 23.97
CA PHE A 423 12.39 -3.81 24.41
C PHE A 423 10.96 -4.09 23.96
N ARG A 424 10.13 -3.06 23.79
CA ARG A 424 8.76 -3.31 23.37
C ARG A 424 8.67 -3.82 21.93
N ALA A 425 9.74 -3.73 21.17
CA ALA A 425 9.75 -4.29 19.83
C ALA A 425 10.18 -5.74 19.83
N GLN A 426 10.54 -6.27 21.00
CA GLN A 426 10.92 -7.66 21.13
C GLN A 426 9.75 -8.55 20.75
N VAL A 427 10.04 -9.63 20.04
CA VAL A 427 9.00 -10.54 19.59
C VAL A 427 9.22 -11.82 20.37
N PRO A 428 8.45 -12.05 21.43
CA PRO A 428 8.65 -13.24 22.27
C PRO A 428 8.67 -14.53 21.48
N GLY A 429 9.74 -15.29 21.66
CA GLY A 429 9.98 -16.54 20.98
C GLY A 429 11.00 -16.43 19.87
N TYR A 430 11.24 -15.21 19.38
CA TYR A 430 12.11 -14.94 18.26
C TYR A 430 13.10 -13.83 18.59
N HIS A 431 14.19 -13.81 17.83
CA HIS A 431 15.15 -12.71 17.88
C HIS A 431 14.70 -11.68 16.85
N ALA A 432 14.43 -10.46 17.30
CA ALA A 432 13.99 -9.43 16.39
C ALA A 432 15.02 -8.31 16.35
N ALA A 433 14.93 -7.51 15.30
CA ALA A 433 15.84 -6.40 15.07
C ALA A 433 15.04 -5.26 14.48
N GLY A 434 15.48 -4.04 14.77
CA GLY A 434 14.79 -2.90 14.21
C GLY A 434 15.36 -1.62 14.74
N LYS A 435 14.69 -0.53 14.38
CA LYS A 435 15.13 0.80 14.74
C LYS A 435 13.89 1.66 14.92
N SER A 436 13.86 2.43 16.01
CA SER A 436 12.73 3.31 16.24
C SER A 436 12.97 4.66 15.60
N GLY A 437 11.89 5.41 15.42
CA GLY A 437 12.00 6.77 14.92
C GLY A 437 10.91 7.65 15.49
N THR A 438 11.26 8.92 15.67
CA THR A 438 10.32 9.95 16.11
C THR A 438 10.63 11.19 15.29
N ALA A 439 9.65 11.66 14.53
CA ALA A 439 9.85 12.84 13.68
C ALA A 439 8.97 13.96 14.20
N ARG A 440 9.58 15.11 14.41
CA ARG A 440 8.88 16.30 14.86
C ARG A 440 8.39 17.07 13.64
N LYS A 441 7.07 17.21 13.53
CA LYS A 441 6.46 17.83 12.36
C LYS A 441 6.69 19.33 12.29
N ASN A 452 4.20 20.48 17.87
CA ASN A 452 3.74 19.72 19.03
C ASN A 452 3.11 18.41 18.58
N ALA A 453 3.14 18.15 17.28
CA ALA A 453 2.63 16.92 16.70
C ALA A 453 3.82 16.11 16.23
N TYR A 454 3.73 14.80 16.38
CA TYR A 454 4.82 13.89 16.07
C TYR A 454 4.35 12.78 15.14
N ARG A 455 5.32 12.12 14.51
CA ARG A 455 5.05 10.91 13.76
C ARG A 455 5.96 9.84 14.37
N SER A 456 5.36 8.72 14.75
CA SER A 456 6.06 7.64 15.44
C SER A 456 6.33 6.49 14.47
N LEU A 457 7.61 6.12 14.33
CA LEU A 457 7.99 5.09 13.39
C LEU A 457 8.77 3.97 14.06
N PHE A 458 8.63 2.78 13.50
CA PHE A 458 9.47 1.64 13.83
C PHE A 458 9.59 0.78 12.59
N ALA A 459 10.82 0.39 12.26
CA ALA A 459 11.08 -0.46 11.12
C ALA A 459 12.03 -1.55 11.57
N GLY A 460 11.77 -2.77 11.14
CA GLY A 460 12.61 -3.87 11.55
C GLY A 460 12.28 -5.15 10.81
N PHE A 461 12.87 -6.24 11.30
CA PHE A 461 12.74 -7.52 10.65
C PHE A 461 12.98 -8.64 11.66
N ALA A 462 12.58 -9.85 11.28
CA ALA A 462 12.74 -11.02 12.13
C ALA A 462 12.56 -12.26 11.27
N PRO A 463 13.07 -13.43 11.74
CA PRO A 463 13.93 -13.60 12.91
C PRO A 463 15.36 -13.17 12.56
N ALA A 464 16.06 -12.56 13.51
CA ALA A 464 17.43 -12.10 13.28
C ALA A 464 18.37 -13.19 12.80
N THR A 465 18.12 -14.46 13.17
CA THR A 465 19.05 -15.52 12.77
C THR A 465 18.98 -15.81 11.27
N ASP A 466 17.83 -15.58 10.65
CA ASP A 466 17.59 -15.76 9.24
C ASP A 466 16.34 -14.97 8.91
N PRO A 467 16.48 -13.67 8.65
CA PRO A 467 15.30 -12.82 8.42
C PRO A 467 14.39 -13.35 7.33
N ARG A 468 13.09 -13.27 7.62
CA ARG A 468 12.01 -13.72 6.77
C ARG A 468 11.11 -12.58 6.38
N ILE A 469 10.85 -11.68 7.34
CA ILE A 469 9.87 -10.60 7.20
C ILE A 469 10.48 -9.27 7.59
N ALA A 470 10.18 -8.23 6.82
CA ALA A 470 10.50 -6.85 7.15
C ALA A 470 9.19 -6.13 7.43
N MET A 471 9.24 -5.15 8.32
CA MET A 471 8.01 -4.45 8.69
C MET A 471 8.30 -2.98 8.98
N VAL A 472 7.37 -2.13 8.60
CA VAL A 472 7.43 -0.71 8.91
C VAL A 472 6.10 -0.34 9.55
N VAL A 473 6.16 0.35 10.68
CA VAL A 473 4.97 0.82 11.37
C VAL A 473 5.06 2.34 11.47
N VAL A 474 4.09 3.04 10.89
CA VAL A 474 4.06 4.49 10.91
C VAL A 474 2.74 4.93 11.48
N ILE A 475 2.78 5.64 12.61
CA ILE A 475 1.59 6.15 13.26
C ILE A 475 1.68 7.67 13.27
N ASP A 476 0.71 8.33 12.66
CA ASP A 476 0.77 9.78 12.48
C ASP A 476 0.01 10.52 13.57
N GLU A 477 0.71 11.39 14.30
CA GLU A 477 0.18 12.25 15.34
C GLU A 477 -0.56 11.55 16.49
N PRO A 478 0.06 10.63 17.22
CA PRO A 478 -0.60 10.13 18.43
C PRO A 478 -0.80 11.29 19.39
N SER A 479 -1.94 11.29 20.08
CA SER A 479 -2.30 12.43 20.93
C SER A 479 -2.37 12.07 22.41
N LYS A 480 -1.99 10.86 22.79
CA LYS A 480 -1.95 10.45 24.18
C LYS A 480 -0.52 10.59 24.72
N ALA A 481 -0.36 10.29 26.00
CA ALA A 481 0.90 10.45 26.74
C ALA A 481 2.12 9.92 25.99
N GLY A 482 2.02 8.70 25.45
CA GLY A 482 3.16 8.14 24.73
C GLY A 482 3.24 8.61 23.30
N TYR A 483 4.43 9.09 22.93
CA TYR A 483 4.70 9.56 21.58
C TYR A 483 5.99 9.04 20.92
N PHE A 484 6.93 8.46 21.65
CA PHE A 484 8.14 7.91 21.02
C PHE A 484 7.84 6.70 20.14
N GLY A 485 8.59 6.57 19.04
CA GLY A 485 8.45 5.41 18.18
C GLY A 485 8.57 4.11 18.95
N GLY A 486 9.47 4.06 19.94
CA GLY A 486 9.64 2.86 20.73
C GLY A 486 8.49 2.59 21.68
N LEU A 487 7.63 3.59 21.88
CA LEU A 487 6.45 3.48 22.73
C LEU A 487 5.18 3.26 21.92
N VAL A 488 5.01 4.01 20.83
CA VAL A 488 3.78 3.99 20.05
C VAL A 488 3.82 2.91 18.97
N SER A 489 4.89 2.87 18.18
CA SER A 489 4.97 1.97 17.03
C SER A 489 5.67 0.65 17.32
N ALA A 490 6.67 0.65 18.20
CA ALA A 490 7.35 -0.60 18.54
C ALA A 490 6.40 -1.70 19.02
N PRO A 491 5.43 -1.46 19.91
CA PRO A 491 4.53 -2.56 20.30
C PRO A 491 3.71 -3.08 19.14
N VAL A 492 3.40 -2.24 18.16
CA VAL A 492 2.63 -2.70 17.00
C VAL A 492 3.49 -3.68 16.20
N PHE A 493 4.74 -3.29 15.94
CA PHE A 493 5.68 -4.21 15.29
C PHE A 493 5.72 -5.54 16.02
N SER A 494 5.89 -5.50 17.34
CA SER A 494 5.94 -6.72 18.13
C SER A 494 4.67 -7.55 17.98
N LYS A 495 3.51 -6.92 18.13
CA LYS A 495 2.24 -7.64 18.06
C LYS A 495 2.01 -8.26 16.69
N VAL A 496 2.22 -7.47 15.63
CA VAL A 496 2.02 -7.95 14.26
C VAL A 496 3.09 -8.97 13.88
N MET A 497 4.35 -8.69 14.24
CA MET A 497 5.44 -9.61 13.93
C MET A 497 5.19 -10.94 14.61
N ALA A 498 4.76 -10.90 15.87
CA ALA A 498 4.49 -12.10 16.65
C ALA A 498 3.45 -12.99 15.98
N GLY A 499 2.38 -12.38 15.47
CA GLY A 499 1.33 -13.15 14.80
C GLY A 499 1.76 -13.64 13.44
N ALA A 500 2.46 -12.79 12.68
CA ALA A 500 2.87 -13.13 11.33
C ALA A 500 3.85 -14.31 11.32
N LEU A 501 4.78 -14.36 12.28
CA LEU A 501 5.72 -15.48 12.30
C LEU A 501 5.01 -16.81 12.56
N ARG A 502 4.00 -16.82 13.44
CA ARG A 502 3.30 -18.09 13.66
C ARG A 502 2.37 -18.42 12.51
N LEU A 503 1.74 -17.40 11.90
CA LEU A 503 0.90 -17.68 10.74
C LEU A 503 1.74 -18.22 9.57
N MET A 504 3.00 -17.81 9.45
CA MET A 504 3.81 -18.37 8.36
C MET A 504 4.56 -19.61 8.81
N ASN A 505 4.31 -20.10 10.02
CA ASN A 505 4.97 -21.28 10.58
C ASN A 505 6.49 -21.18 10.57
N VAL A 506 6.99 -19.98 10.87
CA VAL A 506 8.44 -19.76 10.95
C VAL A 506 8.94 -20.34 12.28
N PRO A 507 9.96 -21.19 12.27
CA PRO A 507 10.45 -21.79 13.51
C PRO A 507 11.03 -20.75 14.45
N PRO A 508 10.61 -20.75 15.72
CA PRO A 508 11.16 -19.81 16.69
C PRO A 508 12.66 -19.97 16.85
N ASP A 509 13.38 -18.85 16.80
CA ASP A 509 14.83 -18.88 16.82
C ASP A 509 15.45 -18.42 18.13
N ASN A 510 14.63 -18.08 19.13
CA ASN A 510 15.13 -17.68 20.44
C ASN A 510 15.26 -18.97 21.25
N LEU A 511 16.35 -19.68 21.01
CA LEU A 511 16.58 -20.99 21.58
C LEU A 511 17.79 -20.99 22.52
N PRO A 512 17.93 -22.00 23.37
CA PRO A 512 19.09 -22.06 24.26
C PRO A 512 20.36 -22.51 23.56
N THR A 513 21.48 -22.01 24.08
CA THR A 513 22.81 -22.34 23.60
C THR A 513 23.35 -23.57 24.32
#